data_3U9A
#
_entry.id   3U9A
#
_cell.length_a   69.900
_cell.length_b   71.200
_cell.length_c   72.600
_cell.angle_alpha   90.00
_cell.angle_beta   100.10
_cell.angle_gamma   90.00
#
_symmetry.space_group_name_H-M   'C 1 2 1'
#
loop_
_entity.id
_entity.type
_entity.pdbx_description
1 polymer 'Thrombin Light Chain'
2 polymer 'Thrombin Heavy Chain'
3 polymer 'Hirudin variant-2'
4 non-polymer 2-acetamido-2-deoxy-beta-D-glucopyranose
5 non-polymer (2S)-N-[[2-(aminomethyl)-5-chloranyl-phenyl]methyl]-1-[(2S)-2-[(3-chloranyl-4-methoxy-phenyl)sulfonylamino]-4-[(4-cyanophenyl)methylamino]-4-oxidanylidene-butanoyl]pyrrolidine-2-carboxamide
6 non-polymer GLYCEROL
7 non-polymer 'PHOSPHATE ION'
8 non-polymer 'SODIUM ION'
9 water water
#
loop_
_entity_poly.entity_id
_entity_poly.type
_entity_poly.pdbx_seq_one_letter_code
_entity_poly.pdbx_strand_id
1 'polypeptide(L)' TFGSGEADCGLRPLFEKKSLEDKTERELLESYIDGR L
2 'polypeptide(L)'
;IVEGSDAEIGMSPWQVMLFRKSPQELLCGASLISDRWVLTAAHCLLYPPWDKNFTENDLLVRIGKHSRTRYERNIEKISM
LEKIYIHPRYNWRENLDRDIALMKLKKPVAFSDYIHPVCLPDRETAASLLQAGYKGRVTGWGNLKETWTANVGKGQPSVL
QVVNLPIVERPVCKDSTRIRITDNMFCAGYKPDEGKRGDACEGDSGGPFVMKSPFNNRWYQMGIVSWGEGCDRDGKYGFY
THVFRLKKWIQKVIDQFGE
;
H
3 'polypeptide(L)' NGDFEEIPEE(TYS)LQ I
#
loop_
_chem_comp.id
_chem_comp.type
_chem_comp.name
_chem_comp.formula
GOL non-polymer GLYCEROL 'C3 H8 O3'
NA non-polymer 'SODIUM ION' 'Na 1'
NAG D-saccharide, beta linking 2-acetamido-2-deoxy-beta-D-glucopyranose 'C8 H15 N O6'
PO4 non-polymer 'PHOSPHATE ION' 'O4 P -3'
S33 non-polymer (2S)-N-[[2-(aminomethyl)-5-chloranyl-phenyl]methyl]-1-[(2S)-2-[(3-chloranyl-4-methoxy-phenyl)sulfonylamino]-4-[(4-cyanophenyl)methylamino]-4-oxidanylidene-butanoyl]pyrrolidine-2-carboxamide 'C32 H34 Cl2 N6 O6 S'
#
# COMPACT_ATOMS: atom_id res chain seq x y z
N GLU A 6 -14.53 -5.76 6.89
CA GLU A 6 -15.71 -5.72 7.75
C GLU A 6 -16.83 -4.86 7.14
N ALA A 7 -17.97 -4.84 7.82
CA ALA A 7 -19.14 -4.11 7.33
C ALA A 7 -18.81 -2.63 7.08
N ASP A 8 -17.87 -2.10 7.83
CA ASP A 8 -17.58 -0.68 7.82
C ASP A 8 -16.31 -0.34 7.02
N CYS A 9 -15.80 -1.32 6.27
CA CYS A 9 -14.53 -1.10 5.57
C CYS A 9 -14.59 0.07 4.59
N GLY A 10 -13.46 0.72 4.42
CA GLY A 10 -13.31 1.73 3.38
C GLY A 10 -14.06 3.04 3.60
N LEU A 11 -14.62 3.24 4.78
CA LEU A 11 -15.28 4.49 5.13
C LEU A 11 -14.46 5.15 6.23
N ARG A 12 -13.80 6.24 5.88
CA ARG A 12 -12.85 6.88 6.80
C ARG A 12 -13.57 7.70 7.87
N PRO A 13 -13.17 7.52 9.13
CA PRO A 13 -13.81 8.26 10.22
C PRO A 13 -13.78 9.78 10.03
N LEU A 14 -12.69 10.31 9.48
CA LEU A 14 -12.54 11.76 9.36
C LEU A 14 -13.02 12.31 8.02
N PHE A 15 -13.50 11.43 7.16
CA PHE A 15 -14.00 11.85 5.85
C PHE A 15 -15.38 11.31 5.55
N GLU A 16 -15.50 10.13 4.94
CA GLU A 16 -16.82 9.59 4.62
C GLU A 16 -17.79 9.58 5.81
N LYS A 17 -17.30 9.21 7.00
CA LYS A 17 -18.20 9.06 8.15
C LYS A 17 -18.78 10.41 8.58
N LYS A 18 -18.09 11.49 8.23
CA LYS A 18 -18.56 12.85 8.56
C LYS A 18 -19.05 13.62 7.34
N SER A 19 -19.15 12.94 6.19
CA SER A 19 -19.41 13.59 4.91
C SER A 19 -18.48 14.77 4.62
N LEU A 20 -17.20 14.59 4.90
CA LEU A 20 -16.18 15.55 4.50
C LEU A 20 -15.33 14.93 3.39
N GLU A 21 -14.96 15.74 2.41
CA GLU A 21 -14.14 15.25 1.30
C GLU A 21 -12.70 15.66 1.47
N ASP A 22 -11.79 14.79 1.04
CA ASP A 22 -10.39 15.15 1.08
C ASP A 22 -10.06 16.01 -0.14
N LYS A 23 -8.86 16.60 -0.16
CA LYS A 23 -8.55 17.64 -1.15
C LYS A 23 -8.44 17.16 -2.60
N THR A 24 -8.22 15.87 -2.82
CA THR A 24 -8.02 15.41 -4.19
C THR A 24 -8.87 14.22 -4.62
N GLU A 25 -9.77 13.75 -3.77
CA GLU A 25 -10.58 12.58 -4.17
C GLU A 25 -11.44 12.89 -5.40
N ARG A 26 -11.80 14.16 -5.60
CA ARG A 26 -12.58 14.53 -6.77
C ARG A 26 -11.82 14.20 -8.07
N GLU A 27 -10.49 14.29 -8.05
CA GLU A 27 -9.66 13.89 -9.20
C GLU A 27 -9.91 12.43 -9.61
N LEU A 28 -10.07 11.56 -8.62
CA LEU A 28 -10.37 10.17 -8.89
C LEU A 28 -11.76 10.01 -9.50
N LEU A 29 -12.75 10.65 -8.88
CA LEU A 29 -14.13 10.54 -9.35
C LEU A 29 -14.22 10.99 -10.80
N GLU A 30 -13.56 12.10 -11.11
CA GLU A 30 -13.63 12.65 -12.46
C GLU A 30 -13.00 11.75 -13.52
N SER A 31 -12.08 10.88 -13.11
CA SER A 31 -11.44 9.96 -14.05
C SER A 31 -12.33 8.76 -14.35
N TYR A 32 -13.34 8.52 -13.52
CA TYR A 32 -14.17 7.33 -13.66
C TYR A 32 -15.29 7.61 -14.66
N ILE A 33 -14.92 7.59 -15.93
CA ILE A 33 -15.79 7.99 -17.03
C ILE A 33 -16.89 6.97 -17.32
N ILE B 1 7.38 8.24 -2.14
CA ILE B 1 6.51 8.78 -3.18
C ILE B 1 7.17 9.97 -3.86
N VAL B 2 7.25 9.93 -5.19
CA VAL B 2 7.85 11.01 -5.96
C VAL B 2 6.77 11.92 -6.52
N GLU B 3 6.93 13.23 -6.33
CA GLU B 3 6.00 14.22 -6.87
C GLU B 3 4.58 14.10 -6.30
N GLY B 4 4.49 13.69 -5.04
CA GLY B 4 3.22 13.67 -4.34
C GLY B 4 3.12 14.85 -3.38
N SER B 5 2.19 14.76 -2.44
CA SER B 5 1.97 15.82 -1.45
CA SER B 5 2.02 15.82 -1.45
C SER B 5 1.79 15.22 -0.07
N ASP B 6 1.84 16.04 0.96
CA ASP B 6 1.55 15.59 2.32
C ASP B 6 0.12 15.10 2.40
N ALA B 7 -0.07 13.93 3.01
CA ALA B 7 -1.40 13.43 3.29
C ALA B 7 -2.10 14.33 4.30
N GLU B 8 -3.43 14.39 4.21
CA GLU B 8 -4.23 15.03 5.26
C GLU B 8 -4.33 14.07 6.43
N ILE B 9 -4.58 14.59 7.63
CA ILE B 9 -4.78 13.74 8.78
C ILE B 9 -5.96 12.79 8.56
N GLY B 10 -5.72 11.50 8.78
CA GLY B 10 -6.76 10.49 8.64
C GLY B 10 -7.17 10.19 7.21
N MET B 11 -6.36 10.63 6.26
CA MET B 11 -6.70 10.45 4.85
C MET B 11 -6.57 9.00 4.40
N SER B 12 -5.67 8.26 5.05
CA SER B 12 -5.39 6.87 4.70
CA SER B 12 -5.37 6.88 4.69
C SER B 12 -5.27 6.03 5.97
N PRO B 13 -6.39 5.85 6.68
CA PRO B 13 -6.31 5.26 8.02
C PRO B 13 -6.01 3.77 8.01
N TRP B 14 -5.98 3.18 6.82
CA TRP B 14 -5.53 1.82 6.63
C TRP B 14 -4.03 1.69 6.41
N GLN B 15 -3.32 2.82 6.29
CA GLN B 15 -1.89 2.74 6.01
CA GLN B 15 -1.88 2.80 6.04
C GLN B 15 -1.13 2.14 7.19
N VAL B 16 -0.23 1.22 6.87
CA VAL B 16 0.57 0.58 7.88
C VAL B 16 2.04 0.76 7.52
N MET B 17 2.86 0.98 8.54
CA MET B 17 4.31 0.97 8.38
C MET B 17 4.89 -0.32 8.91
N LEU B 18 5.64 -1.02 8.06
CA LEU B 18 6.40 -2.19 8.48
CA LEU B 18 6.39 -2.18 8.49
C LEU B 18 7.71 -1.66 9.04
N PHE B 19 8.01 -2.00 10.29
CA PHE B 19 9.14 -1.41 11.00
C PHE B 19 10.09 -2.49 11.50
N ARG B 20 11.37 -2.33 11.17
CA ARG B 20 12.39 -3.27 11.61
C ARG B 20 12.74 -2.97 13.07
N LYS B 21 12.88 -4.02 13.88
CA LYS B 21 13.16 -3.87 15.31
C LYS B 21 14.58 -3.40 15.60
N SER B 22 15.54 -3.96 14.89
CA SER B 22 16.95 -3.63 15.10
C SER B 22 17.77 -3.84 13.84
N PRO B 23 18.33 -2.75 13.29
CA PRO B 23 18.16 -1.40 13.84
C PRO B 23 16.75 -0.90 13.53
N GLN B 24 16.24 0.00 14.37
CA GLN B 24 14.90 0.56 14.15
C GLN B 24 14.88 1.38 12.86
N GLU B 25 14.09 0.93 11.89
CA GLU B 25 14.00 1.61 10.61
C GLU B 25 12.76 1.19 9.83
N LEU B 26 12.35 2.04 8.89
CA LEU B 26 11.26 1.70 7.98
C LEU B 26 11.66 0.56 7.06
N LEU B 27 10.80 -0.43 6.94
CA LEU B 27 11.05 -1.51 5.99
C LEU B 27 10.16 -1.42 4.76
N CYS B 28 8.91 -0.99 4.94
CA CYS B 28 7.94 -1.09 3.86
C CYS B 28 6.64 -0.45 4.30
N GLY B 29 5.74 -0.30 3.34
CA GLY B 29 4.35 0.01 3.61
C GLY B 29 3.55 -1.27 3.66
N ALA B 30 2.28 -1.15 4.03
CA ALA B 30 1.38 -2.27 4.15
C ALA B 30 -0.02 -1.66 4.38
N SER B 31 -1.05 -2.50 4.50
CA SER B 31 -2.38 -1.96 4.71
C SER B 31 -3.18 -2.81 5.68
N LEU B 32 -4.14 -2.18 6.36
CA LEU B 32 -4.96 -2.86 7.36
C LEU B 32 -6.25 -3.31 6.67
N ILE B 33 -6.52 -4.62 6.71
CA ILE B 33 -7.71 -5.13 6.04
C ILE B 33 -8.75 -5.69 7.01
N SER B 34 -8.38 -5.79 8.29
CA SER B 34 -9.32 -6.16 9.36
C SER B 34 -8.61 -5.86 10.67
N ASP B 35 -9.23 -6.18 11.80
CA ASP B 35 -8.57 -5.88 13.07
C ASP B 35 -7.38 -6.79 13.37
N ARG B 36 -7.15 -7.82 12.54
CA ARG B 36 -6.11 -8.79 12.84
CA ARG B 36 -6.13 -8.81 12.84
C ARG B 36 -5.20 -9.06 11.66
N TRP B 37 -5.54 -8.52 10.49
CA TRP B 37 -4.80 -8.86 9.29
C TRP B 37 -4.23 -7.66 8.55
N VAL B 38 -2.98 -7.79 8.13
CA VAL B 38 -2.30 -6.75 7.37
C VAL B 38 -1.76 -7.30 6.06
N LEU B 39 -1.98 -6.54 4.98
CA LEU B 39 -1.58 -6.96 3.64
C LEU B 39 -0.33 -6.21 3.22
N THR B 40 0.61 -6.91 2.57
CA THR B 40 1.80 -6.24 2.07
C THR B 40 2.35 -6.96 0.82
N ALA B 41 3.49 -6.49 0.32
CA ALA B 41 4.17 -7.15 -0.79
C ALA B 41 5.07 -8.25 -0.24
N ALA B 42 5.08 -9.39 -0.93
CA ALA B 42 5.97 -10.47 -0.55
C ALA B 42 7.44 -10.03 -0.49
N HIS B 43 7.86 -9.18 -1.41
CA HIS B 43 9.27 -8.80 -1.44
C HIS B 43 9.69 -7.94 -0.24
N CYS B 44 8.72 -7.43 0.51
CA CYS B 44 9.02 -6.73 1.75
C CYS B 44 9.53 -7.68 2.82
N LEU B 45 9.20 -8.97 2.66
CA LEU B 45 9.55 -9.96 3.66
C LEU B 45 10.56 -10.97 3.13
N LEU B 46 10.50 -11.26 1.83
CA LEU B 46 11.36 -12.27 1.23
C LEU B 46 11.89 -11.81 -0.11
N TYR B 47 13.21 -11.59 -0.16
CA TYR B 47 13.84 -11.22 -1.43
C TYR B 47 15.30 -11.65 -1.37
N PRO B 48 15.54 -12.92 -1.71
CA PRO B 48 16.89 -13.51 -1.64
C PRO B 48 18.01 -12.75 -2.37
N PRO B 49 17.75 -12.10 -3.51
CA PRO B 49 18.85 -11.36 -4.13
C PRO B 49 19.48 -10.30 -3.22
N TRP B 50 18.71 -9.80 -2.26
CA TRP B 50 19.21 -8.78 -1.34
C TRP B 50 19.39 -9.35 0.07
N ASP B 51 19.45 -10.67 0.16
CA ASP B 51 19.60 -11.33 1.46
C ASP B 51 18.51 -10.91 2.43
N LYS B 52 17.29 -10.76 1.93
CA LYS B 52 16.16 -10.38 2.78
C LYS B 52 15.27 -11.60 3.03
N ASN B 53 15.09 -11.94 4.31
CA ASN B 53 14.22 -13.04 4.67
C ASN B 53 13.81 -12.85 6.09
N PHE B 54 12.81 -12.01 6.32
CA PHE B 54 12.43 -11.67 7.68
C PHE B 54 11.56 -12.74 8.32
N THR B 55 11.71 -12.90 9.62
CA THR B 55 10.81 -13.76 10.39
C THR B 55 9.94 -12.84 11.26
N GLU B 56 8.88 -13.41 11.83
CA GLU B 56 7.92 -12.64 12.62
C GLU B 56 8.58 -11.75 13.66
N ASN B 57 9.56 -12.29 14.39
CA ASN B 57 10.13 -11.55 15.51
C ASN B 57 11.04 -10.41 15.11
N ASP B 58 11.36 -10.34 13.81
CA ASP B 58 12.22 -9.27 13.30
C ASP B 58 11.47 -7.95 13.17
N LEU B 59 10.14 -8.02 13.20
CA LEU B 59 9.31 -6.92 12.70
C LEU B 59 8.25 -6.41 13.67
N LEU B 60 7.82 -5.17 13.44
CA LEU B 60 6.65 -4.61 14.08
C LEU B 60 5.80 -3.97 13.01
N VAL B 61 4.51 -3.78 13.28
CA VAL B 61 3.69 -2.94 12.40
C VAL B 61 3.24 -1.74 13.20
N ARG B 62 3.30 -0.56 12.57
CA ARG B 62 2.88 0.66 13.21
C ARG B 62 1.69 1.20 12.42
N ILE B 63 0.56 1.35 13.12
CA ILE B 63 -0.70 1.68 12.49
C ILE B 63 -1.22 3.02 13.01
N GLY B 64 -1.84 3.80 12.14
CA GLY B 64 -2.39 5.10 12.51
C GLY B 64 -1.39 6.23 12.41
N LYS B 65 -0.27 5.98 11.73
CA LYS B 65 0.79 6.97 11.65
C LYS B 65 0.58 8.05 10.60
N HIS B 66 1.26 9.16 10.81
CA HIS B 66 1.33 10.28 9.88
C HIS B 66 2.79 10.68 9.69
N SER B 67 3.43 11.14 10.77
CA SER B 67 4.86 11.41 10.72
C SER B 67 5.64 10.15 10.41
N ARG B 68 6.67 10.26 9.57
CA ARG B 68 7.51 9.11 9.26
C ARG B 68 8.33 8.70 10.47
N THR B 69 8.96 9.66 11.14
CA THR B 69 9.98 9.32 12.14
C THR B 69 9.57 9.43 13.61
N ARG B 70 8.56 10.24 13.90
N ARG B 70 8.58 10.26 13.90
CA ARG B 70 8.19 10.49 15.30
CA ARG B 70 8.15 10.48 15.28
C ARG B 70 7.33 9.38 15.88
C ARG B 70 7.42 9.28 15.86
N TYR B 71 7.47 9.15 17.19
CA TYR B 71 6.59 8.21 17.88
C TYR B 71 5.34 9.02 18.23
N GLU B 72 4.23 8.65 17.61
CA GLU B 72 3.01 9.45 17.67
C GLU B 72 2.13 8.99 18.83
N ARG B 73 2.56 9.40 20.01
CA ARG B 73 1.95 9.01 21.26
C ARG B 73 0.45 9.31 21.24
N ASN B 74 -0.34 8.34 21.71
CA ASN B 74 -1.80 8.48 21.80
C ASN B 74 -2.53 8.40 20.46
N ILE B 75 -1.78 8.12 19.38
CA ILE B 75 -2.38 8.08 18.05
C ILE B 75 -2.04 6.78 17.36
N GLU B 76 -0.75 6.54 17.14
CA GLU B 76 -0.35 5.28 16.51
C GLU B 76 -0.45 4.13 17.50
N LYS B 77 -0.62 2.94 16.96
CA LYS B 77 -0.59 1.72 17.74
C LYS B 77 0.43 0.79 17.10
N ILE B 78 1.20 0.12 17.95
CA ILE B 78 2.27 -0.74 17.49
C ILE B 78 1.92 -2.19 17.81
N SER B 79 2.02 -3.05 16.81
CA SER B 79 1.59 -4.44 16.95
C SER B 79 2.70 -5.42 16.61
N MET B 80 2.73 -6.54 17.32
CA MET B 80 3.65 -7.63 17.01
C MET B 80 2.97 -8.62 16.07
N LEU B 81 3.79 -9.37 15.33
CA LEU B 81 3.26 -10.30 14.35
C LEU B 81 3.13 -11.71 14.92
N GLU B 82 1.99 -12.34 14.68
CA GLU B 82 1.81 -13.73 15.03
C GLU B 82 2.40 -14.64 13.96
N LYS B 83 2.14 -14.32 12.70
CA LYS B 83 2.55 -15.19 11.61
C LYS B 83 2.56 -14.45 10.27
N ILE B 84 3.55 -14.77 9.45
CA ILE B 84 3.66 -14.29 8.08
C ILE B 84 3.24 -15.37 7.09
N TYR B 85 2.44 -15.00 6.09
CA TYR B 85 2.10 -15.90 5.00
C TYR B 85 2.47 -15.28 3.66
N ILE B 86 3.33 -15.96 2.90
CA ILE B 86 3.73 -15.49 1.59
C ILE B 86 3.07 -16.36 0.53
N HIS B 87 2.64 -15.75 -0.59
CA HIS B 87 2.05 -16.54 -1.66
C HIS B 87 3.00 -17.65 -2.10
N PRO B 88 2.51 -18.90 -2.16
CA PRO B 88 3.37 -20.05 -2.49
C PRO B 88 3.97 -19.99 -3.90
N ARG B 89 3.38 -19.20 -4.79
CA ARG B 89 3.90 -19.09 -6.14
C ARG B 89 4.48 -17.69 -6.43
N TYR B 90 4.82 -16.97 -5.35
CA TYR B 90 5.52 -15.69 -5.47
C TYR B 90 6.82 -15.90 -6.26
N ASN B 91 6.98 -15.17 -7.34
CA ASN B 91 8.15 -15.32 -8.22
C ASN B 91 9.19 -14.23 -8.02
N TRP B 92 10.05 -14.39 -7.01
CA TRP B 92 11.12 -13.42 -6.76
C TRP B 92 12.28 -13.59 -7.72
N ARG B 93 12.34 -14.71 -8.43
CA ARG B 93 13.44 -14.99 -9.34
CA ARG B 93 13.45 -14.98 -9.33
C ARG B 93 13.40 -14.15 -10.61
N GLU B 94 12.21 -13.99 -11.16
CA GLU B 94 12.09 -13.36 -12.47
C GLU B 94 11.47 -11.97 -12.49
N ASN B 95 10.22 -11.88 -12.02
CA ASN B 95 9.43 -10.67 -12.28
C ASN B 95 8.47 -10.28 -11.16
N LEU B 96 8.71 -10.76 -9.95
CA LEU B 96 7.83 -10.48 -8.82
C LEU B 96 6.36 -10.85 -9.06
N ASP B 97 6.12 -11.87 -9.87
CA ASP B 97 4.74 -12.34 -10.08
C ASP B 97 4.14 -12.78 -8.75
N ARG B 98 2.89 -12.39 -8.49
CA ARG B 98 2.19 -12.73 -7.24
C ARG B 98 2.90 -12.19 -6.01
N ASP B 99 3.24 -10.90 -6.08
CA ASP B 99 3.98 -10.20 -5.03
C ASP B 99 3.03 -9.79 -3.90
N ILE B 100 2.69 -10.77 -3.06
CA ILE B 100 1.68 -10.55 -2.04
C ILE B 100 1.98 -11.39 -0.80
N ALA B 101 1.70 -10.81 0.36
CA ALA B 101 1.87 -11.50 1.64
C ALA B 101 0.86 -10.98 2.65
N LEU B 102 0.48 -11.86 3.58
CA LEU B 102 -0.38 -11.47 4.69
C LEU B 102 0.38 -11.59 6.00
N MET B 103 0.02 -10.74 6.96
CA MET B 103 0.59 -10.81 8.30
C MET B 103 -0.55 -10.80 9.30
N LYS B 104 -0.57 -11.79 10.18
CA LYS B 104 -1.58 -11.85 11.25
C LYS B 104 -0.99 -11.23 12.52
N LEU B 105 -1.73 -10.30 13.13
CA LEU B 105 -1.26 -9.63 14.34
C LEU B 105 -1.49 -10.51 15.56
N LYS B 106 -0.63 -10.38 16.56
CA LYS B 106 -0.80 -11.16 17.79
C LYS B 106 -2.11 -10.82 18.49
N LYS B 107 -2.47 -9.54 18.47
CA LYS B 107 -3.70 -9.08 19.10
C LYS B 107 -4.43 -8.13 18.17
N PRO B 108 -5.77 -8.14 18.22
CA PRO B 108 -6.54 -7.20 17.39
C PRO B 108 -6.20 -5.76 17.74
N VAL B 109 -6.18 -4.91 16.72
CA VAL B 109 -5.92 -3.49 16.91
C VAL B 109 -7.26 -2.75 17.08
N ALA B 110 -7.28 -1.76 17.98
CA ALA B 110 -8.49 -0.97 18.16
C ALA B 110 -8.61 0.08 17.06
N PHE B 111 -9.77 0.14 16.43
CA PHE B 111 -10.01 1.18 15.43
C PHE B 111 -10.18 2.53 16.11
N SER B 112 -9.89 3.59 15.37
CA SER B 112 -10.01 4.95 15.88
C SER B 112 -10.20 5.90 14.71
N ASP B 113 -10.16 7.19 14.98
CA ASP B 113 -10.20 8.16 13.88
C ASP B 113 -9.07 7.95 12.88
N TYR B 114 -7.96 7.36 13.33
CA TYR B 114 -6.73 7.27 12.54
C TYR B 114 -6.42 5.86 12.08
N ILE B 115 -7.23 4.91 12.52
CA ILE B 115 -7.01 3.49 12.26
C ILE B 115 -8.30 2.85 11.83
N HIS B 116 -8.35 2.34 10.59
CA HIS B 116 -9.58 1.82 10.02
C HIS B 116 -9.25 1.03 8.77
N PRO B 117 -9.92 -0.11 8.56
CA PRO B 117 -9.54 -0.98 7.44
C PRO B 117 -10.09 -0.55 6.09
N VAL B 118 -9.35 -0.90 5.05
CA VAL B 118 -9.75 -0.66 3.68
C VAL B 118 -10.52 -1.91 3.20
N CYS B 119 -11.37 -1.74 2.20
CA CYS B 119 -12.06 -2.90 1.60
C CYS B 119 -11.21 -3.62 0.58
N LEU B 120 -11.42 -4.92 0.45
CA LEU B 120 -10.86 -5.65 -0.70
C LEU B 120 -11.93 -5.79 -1.77
N PRO B 121 -11.53 -5.64 -3.04
CA PRO B 121 -12.49 -5.64 -4.13
C PRO B 121 -13.14 -7.01 -4.37
N ASP B 122 -14.41 -7.01 -4.74
CA ASP B 122 -15.01 -8.22 -5.30
C ASP B 122 -14.87 -8.18 -6.81
N ARG B 123 -15.28 -9.25 -7.48
CA ARG B 123 -15.10 -9.33 -8.93
C ARG B 123 -15.71 -8.15 -9.68
N GLU B 124 -16.91 -7.74 -9.26
CA GLU B 124 -17.63 -6.70 -9.98
C GLU B 124 -16.98 -5.33 -9.82
N THR B 125 -16.54 -5.02 -8.61
CA THR B 125 -15.89 -3.73 -8.39
C THR B 125 -14.57 -3.68 -9.16
N ALA B 126 -13.83 -4.80 -9.16
CA ALA B 126 -12.60 -4.87 -9.94
C ALA B 126 -12.87 -4.62 -11.42
N ALA B 127 -13.88 -5.31 -11.96
CA ALA B 127 -14.21 -5.15 -13.38
C ALA B 127 -14.61 -3.72 -13.70
N SER B 128 -15.38 -3.10 -12.81
CA SER B 128 -15.84 -1.73 -13.03
C SER B 128 -14.72 -0.69 -12.97
N LEU B 129 -13.79 -0.87 -12.05
CA LEU B 129 -12.82 0.20 -11.77
C LEU B 129 -11.42 0.01 -12.35
N LEU B 130 -11.03 -1.23 -12.60
CA LEU B 130 -9.67 -1.46 -13.10
C LEU B 130 -9.64 -1.28 -14.61
N GLN B 131 -9.69 -0.01 -15.04
CA GLN B 131 -9.75 0.34 -16.45
C GLN B 131 -8.73 1.43 -16.75
N ALA B 132 -8.10 1.35 -17.93
CA ALA B 132 -7.12 2.35 -18.32
C ALA B 132 -7.69 3.76 -18.25
N GLY B 133 -6.94 4.68 -17.67
CA GLY B 133 -7.39 6.06 -17.51
C GLY B 133 -7.98 6.34 -16.15
N TYR B 134 -8.58 5.33 -15.54
CA TYR B 134 -9.15 5.51 -14.19
C TYR B 134 -8.02 5.68 -13.19
N LYS B 135 -8.18 6.63 -12.27
CA LYS B 135 -7.10 6.92 -11.33
C LYS B 135 -7.27 6.25 -9.97
N GLY B 136 -6.15 5.84 -9.40
CA GLY B 136 -6.10 5.36 -8.04
C GLY B 136 -5.14 6.22 -7.25
N ARG B 137 -4.96 5.88 -5.98
CA ARG B 137 -4.16 6.67 -5.08
C ARG B 137 -3.13 5.80 -4.38
N VAL B 138 -1.89 6.26 -4.34
CA VAL B 138 -0.78 5.53 -3.71
C VAL B 138 -0.23 6.35 -2.57
N THR B 139 0.07 5.69 -1.46
CA THR B 139 0.53 6.39 -0.26
C THR B 139 1.75 5.69 0.33
N GLY B 140 2.63 6.45 0.98
CA GLY B 140 3.80 5.84 1.57
C GLY B 140 4.79 6.84 2.15
N TRP B 141 5.77 6.32 2.87
CA TRP B 141 6.84 7.11 3.48
C TRP B 141 8.17 6.88 2.79
N GLY B 142 8.12 6.37 1.57
CA GLY B 142 9.32 6.05 0.82
C GLY B 142 10.03 7.28 0.31
N ASN B 143 11.11 7.07 -0.41
CA ASN B 143 11.92 8.16 -0.92
C ASN B 143 11.16 9.13 -1.82
N LEU B 144 11.58 10.39 -1.77
CA LEU B 144 10.95 11.45 -2.55
C LEU B 144 11.53 11.52 -3.96
N LYS B 145 12.69 10.89 -4.13
CA LYS B 145 13.39 10.86 -5.42
C LYS B 145 14.17 9.56 -5.55
N GLU B 146 14.39 9.12 -6.78
CA GLU B 146 15.12 7.88 -7.02
C GLU B 146 16.51 7.95 -6.40
N THR B 147 17.19 9.08 -6.62
CA THR B 147 18.48 9.32 -5.99
C THR B 147 18.64 10.80 -5.66
N GLY B 155 15.12 14.12 0.11
CA GLY B 155 15.41 12.71 0.23
C GLY B 155 14.25 11.89 0.77
N GLN B 156 13.96 12.07 2.05
CA GLN B 156 12.88 11.32 2.70
C GLN B 156 11.90 12.25 3.41
N PRO B 157 10.60 11.92 3.38
CA PRO B 157 9.56 12.85 3.82
C PRO B 157 9.38 12.91 5.34
N SER B 158 8.93 14.06 5.84
CA SER B 158 8.59 14.20 7.25
CA SER B 158 8.60 14.20 7.24
C SER B 158 7.29 13.47 7.58
N VAL B 159 6.34 13.51 6.64
CA VAL B 159 5.05 12.85 6.84
C VAL B 159 4.59 12.05 5.62
N LEU B 160 3.57 11.23 5.83
CA LEU B 160 3.00 10.37 4.79
C LEU B 160 2.71 11.16 3.51
N GLN B 161 3.11 10.58 2.38
CA GLN B 161 2.93 11.20 1.08
C GLN B 161 1.82 10.50 0.30
N VAL B 162 1.16 11.25 -0.56
CA VAL B 162 0.07 10.72 -1.38
CA VAL B 162 0.05 10.74 -1.37
C VAL B 162 0.21 11.21 -2.81
N VAL B 163 -0.15 10.34 -3.76
CA VAL B 163 -0.17 10.73 -5.17
C VAL B 163 -1.29 9.98 -5.87
N ASN B 164 -2.01 10.67 -6.75
CA ASN B 164 -3.04 10.03 -7.57
C ASN B 164 -2.47 9.74 -8.95
N LEU B 165 -2.70 8.53 -9.46
CA LEU B 165 -2.10 8.09 -10.73
C LEU B 165 -3.07 7.28 -11.58
N PRO B 166 -3.07 7.51 -12.89
CA PRO B 166 -3.94 6.74 -13.80
C PRO B 166 -3.44 5.34 -14.14
N ILE B 167 -4.34 4.38 -14.13
CA ILE B 167 -4.07 3.04 -14.64
C ILE B 167 -3.72 3.14 -16.12
N VAL B 168 -2.73 2.37 -16.54
CA VAL B 168 -2.24 2.42 -17.92
C VAL B 168 -2.68 1.19 -18.74
N GLU B 169 -2.94 1.39 -20.02
CA GLU B 169 -3.28 0.30 -20.94
C GLU B 169 -2.23 -0.81 -20.89
N ARG B 170 -2.67 -2.07 -20.83
CA ARG B 170 -1.74 -3.19 -20.69
CA ARG B 170 -1.75 -3.19 -20.70
C ARG B 170 -0.65 -3.22 -21.77
N PRO B 171 -1.01 -2.96 -23.05
CA PRO B 171 0.06 -3.00 -24.07
C PRO B 171 1.15 -1.94 -23.83
N VAL B 172 0.76 -0.78 -23.31
CA VAL B 172 1.72 0.26 -22.97
C VAL B 172 2.60 -0.17 -21.80
N CYS B 173 2.00 -0.76 -20.78
CA CYS B 173 2.80 -1.32 -19.68
C CYS B 173 3.84 -2.29 -20.25
N LYS B 174 3.39 -3.22 -21.08
CA LYS B 174 4.29 -4.24 -21.61
C LYS B 174 5.41 -3.65 -22.45
N ASP B 175 5.07 -2.67 -23.27
CA ASP B 175 6.05 -2.07 -24.17
C ASP B 175 7.01 -1.11 -23.47
N SER B 176 6.79 -0.84 -22.20
CA SER B 176 7.65 0.07 -21.44
C SER B 176 8.86 -0.65 -20.84
N THR B 177 8.89 -1.98 -20.93
CA THR B 177 9.85 -2.74 -20.14
C THR B 177 10.27 -4.02 -20.84
N ARG B 178 11.41 -4.55 -20.47
CA ARG B 178 11.84 -5.84 -20.94
C ARG B 178 11.37 -6.95 -20.01
N ILE B 179 10.90 -6.60 -18.82
CA ILE B 179 10.39 -7.57 -17.85
C ILE B 179 9.11 -8.20 -18.40
N ARG B 180 8.96 -9.52 -18.18
CA ARG B 180 7.73 -10.19 -18.56
C ARG B 180 6.60 -9.82 -17.59
N ILE B 181 5.60 -9.11 -18.09
CA ILE B 181 4.47 -8.70 -17.26
C ILE B 181 3.44 -9.83 -17.25
N THR B 182 2.73 -9.98 -16.15
CA THR B 182 1.69 -11.00 -16.04
C THR B 182 0.33 -10.40 -15.70
N ASP B 183 -0.70 -11.25 -15.81
CA ASP B 183 -2.06 -10.85 -15.45
C ASP B 183 -2.20 -10.51 -13.96
N ASN B 184 -1.22 -10.90 -13.14
CA ASN B 184 -1.27 -10.59 -11.71
C ASN B 184 -0.65 -9.24 -11.35
N MET B 185 -0.37 -8.43 -12.37
CA MET B 185 0.13 -7.07 -12.16
C MET B 185 -0.65 -6.12 -13.04
N PHE B 186 -0.72 -4.87 -12.62
CA PHE B 186 -1.14 -3.80 -13.52
C PHE B 186 -0.18 -2.63 -13.34
N CYS B 187 -0.18 -1.69 -14.27
CA CYS B 187 0.74 -0.57 -14.13
C CYS B 187 -0.02 0.75 -14.13
N ALA B 188 0.58 1.77 -13.53
CA ALA B 188 -0.04 3.07 -13.40
C ALA B 188 1.03 4.17 -13.47
N GLY B 189 0.61 5.35 -13.88
CA GLY B 189 1.51 6.47 -14.03
C GLY B 189 1.15 7.29 -15.24
N TYR B 190 1.68 8.52 -15.30
CA TYR B 190 1.45 9.35 -16.46
C TYR B 190 2.44 9.02 -17.59
N LYS B 191 2.00 9.24 -18.82
CA LYS B 191 2.88 9.11 -19.97
C LYS B 191 3.73 10.37 -20.10
N PRO B 192 4.88 10.25 -20.80
CA PRO B 192 5.75 11.41 -21.03
C PRO B 192 4.99 12.62 -21.54
N ASP B 193 4.05 12.41 -22.46
CA ASP B 193 3.34 13.51 -23.11
C ASP B 193 2.29 14.17 -22.22
N GLU B 194 1.87 13.49 -21.15
CA GLU B 194 0.77 13.97 -20.32
C GLU B 194 1.16 15.14 -19.40
N GLY B 195 2.46 15.36 -19.21
CA GLY B 195 2.92 16.48 -18.40
C GLY B 195 3.05 16.16 -16.93
N LYS B 196 1.93 15.89 -16.27
CA LYS B 196 1.92 15.54 -14.84
C LYS B 196 2.78 14.31 -14.60
N ARG B 197 3.23 14.12 -13.36
CA ARG B 197 4.05 12.96 -13.06
C ARG B 197 3.81 12.41 -11.64
N GLY B 198 4.71 11.54 -11.18
CA GLY B 198 4.54 10.91 -9.88
C GLY B 198 4.66 9.39 -9.97
N ASP B 199 5.07 8.78 -8.86
CA ASP B 199 5.33 7.35 -8.83
C ASP B 199 5.56 6.97 -7.39
N ALA B 200 5.51 5.68 -7.11
CA ALA B 200 6.04 5.15 -5.88
C ALA B 200 7.55 5.07 -5.99
N CYS B 201 8.22 4.82 -4.87
CA CYS B 201 9.67 4.67 -4.88
C CYS B 201 10.11 3.69 -3.80
N GLU B 202 11.42 3.52 -3.63
CA GLU B 202 11.94 2.69 -2.57
C GLU B 202 11.35 3.09 -1.21
N GLY B 203 10.89 2.10 -0.45
CA GLY B 203 10.28 2.35 0.86
C GLY B 203 8.76 2.39 0.82
N ASP B 204 8.20 2.58 -0.38
CA ASP B 204 6.73 2.58 -0.57
C ASP B 204 6.21 1.17 -0.82
N SER B 205 7.13 0.27 -1.18
CA SER B 205 6.84 -1.16 -1.36
C SER B 205 5.83 -1.68 -0.35
N GLY B 206 4.85 -2.45 -0.81
CA GLY B 206 3.88 -3.07 0.08
C GLY B 206 2.68 -2.22 0.45
N GLY B 207 2.76 -0.91 0.16
CA GLY B 207 1.65 -0.01 0.43
C GLY B 207 0.51 -0.16 -0.58
N PRO B 208 -0.62 0.50 -0.32
CA PRO B 208 -1.82 0.27 -1.11
C PRO B 208 -2.01 1.24 -2.28
N PHE B 209 -2.53 0.69 -3.37
CA PHE B 209 -3.08 1.47 -4.48
C PHE B 209 -4.59 1.36 -4.28
N VAL B 210 -5.23 2.47 -3.91
CA VAL B 210 -6.67 2.44 -3.61
C VAL B 210 -7.51 3.25 -4.59
N MET B 211 -8.78 2.90 -4.70
CA MET B 211 -9.73 3.61 -5.56
C MET B 211 -11.02 3.79 -4.78
N LYS B 212 -11.70 4.92 -4.98
CA LYS B 212 -12.95 5.16 -4.27
C LYS B 212 -14.12 4.84 -5.19
N SER B 213 -14.90 3.82 -4.82
CA SER B 213 -16.00 3.39 -5.66
C SER B 213 -17.07 4.46 -5.74
N PRO B 214 -17.46 4.84 -6.95
CA PRO B 214 -18.53 5.83 -7.16
C PRO B 214 -19.90 5.18 -6.96
N PHE B 215 -19.91 3.86 -6.78
CA PHE B 215 -21.16 3.13 -6.58
C PHE B 215 -21.58 3.11 -5.13
N ASN B 216 -20.63 2.95 -4.22
CA ASN B 216 -20.98 2.88 -2.79
C ASN B 216 -20.16 3.78 -1.88
N ASN B 217 -19.31 4.62 -2.47
CA ASN B 217 -18.60 5.62 -1.68
CA ASN B 217 -18.48 5.62 -1.80
C ASN B 217 -17.49 5.04 -0.79
N ARG B 218 -17.09 3.78 -1.03
CA ARG B 218 -16.09 3.12 -0.20
C ARG B 218 -14.75 2.98 -0.91
N TRP B 219 -13.68 3.06 -0.13
CA TRP B 219 -12.32 2.84 -0.66
C TRP B 219 -11.97 1.36 -0.74
N TYR B 220 -11.46 0.96 -1.90
CA TYR B 220 -11.04 -0.41 -2.15
C TYR B 220 -9.55 -0.47 -2.49
N GLN B 221 -8.86 -1.45 -1.93
CA GLN B 221 -7.47 -1.64 -2.33
C GLN B 221 -7.36 -2.52 -3.56
N MET B 222 -7.02 -1.90 -4.68
CA MET B 222 -6.93 -2.63 -5.95
C MET B 222 -5.53 -3.17 -6.21
N GLY B 223 -4.52 -2.50 -5.64
CA GLY B 223 -3.14 -2.89 -5.91
C GLY B 223 -2.25 -2.81 -4.69
N ILE B 224 -1.08 -3.45 -4.82
CA ILE B 224 -0.01 -3.33 -3.83
C ILE B 224 1.22 -2.81 -4.56
N VAL B 225 1.84 -1.76 -4.02
CA VAL B 225 3.09 -1.23 -4.57
C VAL B 225 4.12 -2.35 -4.72
N SER B 226 4.52 -2.63 -5.96
CA SER B 226 5.40 -3.78 -6.22
C SER B 226 6.76 -3.41 -6.81
N TRP B 227 6.82 -2.87 -8.03
CA TRP B 227 8.12 -2.58 -8.63
C TRP B 227 8.09 -1.50 -9.71
N GLY B 228 9.27 -0.99 -10.05
CA GLY B 228 9.41 -0.02 -11.10
C GLY B 228 10.87 0.04 -11.49
N GLU B 229 11.14 0.42 -12.73
CA GLU B 229 12.51 0.58 -13.18
C GLU B 229 12.95 2.00 -12.78
N GLY B 230 13.57 2.10 -11.61
CA GLY B 230 13.85 3.40 -11.02
C GLY B 230 12.57 3.94 -10.39
N CYS B 231 12.48 5.26 -10.23
CA CYS B 231 11.27 5.91 -9.72
C CYS B 231 10.96 7.14 -10.58
N ASP B 232 9.73 7.23 -11.04
CA ASP B 232 9.24 8.40 -11.78
C ASP B 232 10.06 8.71 -13.03
N ARG B 233 10.58 7.67 -13.69
CA ARG B 233 11.30 7.92 -14.94
C ARG B 233 10.31 8.09 -16.08
N ASP B 234 10.63 9.00 -16.99
CA ASP B 234 9.83 9.16 -18.19
C ASP B 234 9.81 7.85 -18.96
N GLY B 235 8.61 7.44 -19.37
CA GLY B 235 8.44 6.25 -20.18
C GLY B 235 8.40 4.96 -19.39
N LYS B 236 8.63 5.06 -18.08
CA LYS B 236 8.47 3.93 -17.18
C LYS B 236 7.19 4.11 -16.38
N TYR B 237 6.72 3.01 -15.79
CA TYR B 237 5.49 3.01 -14.99
C TYR B 237 5.70 2.22 -13.72
N GLY B 238 4.86 2.49 -12.73
CA GLY B 238 4.88 1.70 -11.51
C GLY B 238 4.02 0.47 -11.70
N PHE B 239 4.46 -0.65 -11.14
CA PHE B 239 3.73 -1.91 -11.25
C PHE B 239 3.20 -2.34 -9.92
N TYR B 240 1.96 -2.79 -9.94
CA TYR B 240 1.20 -3.06 -8.73
C TYR B 240 0.65 -4.48 -8.76
N THR B 241 0.70 -5.17 -7.62
CA THR B 241 0.07 -6.49 -7.52
C THR B 241 -1.44 -6.36 -7.67
N HIS B 242 -2.03 -7.18 -8.55
CA HIS B 242 -3.47 -7.16 -8.81
C HIS B 242 -4.20 -7.89 -7.69
N VAL B 243 -4.72 -7.13 -6.71
CA VAL B 243 -5.27 -7.72 -5.50
C VAL B 243 -6.44 -8.65 -5.79
N PHE B 244 -7.36 -8.23 -6.66
CA PHE B 244 -8.48 -9.11 -6.94
C PHE B 244 -8.06 -10.48 -7.52
N ARG B 245 -7.10 -10.48 -8.43
CA ARG B 245 -6.65 -11.74 -9.05
C ARG B 245 -6.11 -12.72 -8.02
N LEU B 246 -5.64 -12.22 -6.89
CA LEU B 246 -5.07 -13.06 -5.85
C LEU B 246 -5.98 -13.21 -4.65
N LYS B 247 -7.21 -12.74 -4.77
CA LYS B 247 -8.11 -12.74 -3.62
C LYS B 247 -8.49 -14.14 -3.14
N LYS B 248 -8.53 -15.10 -4.06
CA LYS B 248 -8.84 -16.48 -3.66
C LYS B 248 -7.80 -16.96 -2.67
N TRP B 249 -6.54 -16.62 -2.90
CA TRP B 249 -5.49 -16.98 -1.96
C TRP B 249 -5.65 -16.25 -0.63
N ILE B 250 -5.98 -14.97 -0.70
CA ILE B 250 -6.18 -14.18 0.52
C ILE B 250 -7.26 -14.82 1.40
N GLN B 251 -8.39 -15.14 0.78
CA GLN B 251 -9.51 -15.73 1.50
C GLN B 251 -9.19 -17.11 2.04
N LYS B 252 -8.39 -17.87 1.30
CA LYS B 252 -7.97 -19.20 1.76
C LYS B 252 -7.13 -19.09 3.05
N VAL B 253 -6.20 -18.15 3.06
CA VAL B 253 -5.35 -17.94 4.23
C VAL B 253 -6.14 -17.45 5.43
N ILE B 254 -6.99 -16.46 5.22
CA ILE B 254 -7.77 -15.93 6.32
C ILE B 254 -8.75 -16.97 6.86
N ASP B 255 -9.38 -17.73 5.96
CA ASP B 255 -10.35 -18.75 6.40
C ASP B 255 -9.70 -19.91 7.13
N GLN B 256 -8.46 -20.21 6.79
CA GLN B 256 -7.75 -21.35 7.35
C GLN B 256 -7.03 -21.01 8.67
N PHE B 257 -6.56 -19.78 8.78
CA PHE B 257 -5.70 -19.40 9.91
C PHE B 257 -6.32 -18.32 10.80
N GLY B 258 -7.49 -17.83 10.42
CA GLY B 258 -8.16 -16.79 11.19
C GLY B 258 -9.67 -16.97 11.25
N ASP C 3 16.58 9.69 10.96
CA ASP C 3 16.67 8.85 12.15
C ASP C 3 15.33 8.83 12.89
N PHE C 4 15.02 7.69 13.50
CA PHE C 4 13.70 7.48 14.10
C PHE C 4 13.69 7.72 15.61
N GLU C 5 12.60 8.33 16.09
CA GLU C 5 12.40 8.48 17.53
C GLU C 5 12.23 7.10 18.12
N GLU C 6 12.87 6.87 19.27
CA GLU C 6 12.78 5.58 19.94
C GLU C 6 11.34 5.28 20.31
N ILE C 7 10.96 4.00 20.21
CA ILE C 7 9.61 3.60 20.60
C ILE C 7 9.63 2.97 21.99
N PRO C 8 8.49 3.03 22.70
CA PRO C 8 8.43 2.44 24.04
C PRO C 8 9.01 1.03 24.07
N GLU C 9 9.83 0.74 25.08
CA GLU C 9 10.51 -0.54 25.19
C GLU C 9 9.56 -1.74 25.21
N GLU C 10 8.33 -1.51 25.68
CA GLU C 10 7.37 -2.60 25.78
C GLU C 10 7.14 -3.29 24.43
N TYS C 11 7.38 -2.57 23.33
CA TYS C 11 7.15 -3.13 22.01
CB TYS C 11 6.74 -2.04 21.02
CG TYS C 11 5.54 -1.28 21.41
CD1 TYS C 11 4.34 -1.93 21.51
CD2 TYS C 11 5.65 0.11 21.71
CE1 TYS C 11 3.18 -1.20 21.91
CE2 TYS C 11 4.52 0.82 22.10
CZ TYS C 11 3.29 0.18 22.20
OH TYS C 11 2.15 0.92 22.60
S TYS C 11 1.27 1.58 21.60
O1 TYS C 11 0.53 0.49 20.84
O2 TYS C 11 0.33 2.38 22.29
O3 TYS C 11 2.06 2.42 20.71
C TYS C 11 8.32 -3.89 21.48
O TYS C 11 8.16 -4.66 20.51
N LEU C 12 9.50 -3.69 22.08
CA LEU C 12 10.69 -4.43 21.68
C LEU C 12 10.85 -5.70 22.49
N GLN C 13 10.01 -5.85 23.52
CA GLN C 13 10.05 -7.04 24.37
C GLN C 13 9.10 -8.11 23.86
C1 NAG D . 13.65 -18.06 4.41
C2 NAG D . 14.24 -19.27 3.67
C3 NAG D . 13.62 -20.55 4.07
C4 NAG D . 13.60 -20.68 5.50
C5 NAG D . 12.82 -19.56 6.11
C6 NAG D . 12.74 -19.71 7.54
C7 NAG D . 12.86 -19.01 1.46
C8 NAG D . 11.53 -19.11 2.12
N2 NAG D . 14.13 -19.08 2.22
O3 NAG D . 14.33 -21.65 3.49
O4 NAG D . 13.11 -21.95 5.92
O5 NAG D . 13.49 -18.25 5.79
O6 NAG D . 13.77 -19.16 8.31
O7 NAG D . 12.89 -18.85 0.25
S26 S33 E . 13.87 -3.55 -11.42
CL4 S33 E . 9.89 -7.17 -11.68
C1 S33 E . 13.30 -5.03 -11.14
C45 S33 E . 12.58 -9.86 -9.73
O44 S33 E . 11.83 -8.86 -10.41
C43 S33 E . 12.37 -7.62 -10.63
O5 S33 E . 13.25 -3.03 -12.59
O42 S33 E . 15.30 -3.59 -11.48
C47 S33 E . 14.13 -5.98 -10.52
C40 S33 E . 12.00 -5.38 -11.50
C46 S33 E . 13.66 -7.27 -10.27
C41 S33 E . 11.55 -6.67 -11.25
C8 S33 E . 12.53 -2.90 -7.99
N3 S33 E . 13.45 -2.57 -10.21
O9 S33 E . 11.64 -2.11 -8.26
C31 S33 E . 17.04 0.46 -9.75
C32 S33 E . 16.81 0.57 -11.23
C33 S33 E . 17.07 1.79 -11.86
C34 S33 E . 16.86 1.92 -13.24
C35 S33 E . 16.40 0.84 -13.97
C36 S33 E . 16.13 -0.37 -13.33
C37 S33 E . 16.34 -0.51 -11.97
C38 S33 E . 16.22 0.96 -15.24
N39 S33 E . 16.04 1.08 -16.38
C6 S33 E . 13.73 -3.03 -8.88
C7 S33 E . 14.92 -2.32 -8.22
C28 S33 E . 15.26 -0.94 -8.75
O29 S33 E . 14.46 -0.02 -8.74
N30 S33 E . 16.50 -0.78 -9.22
N10 S33 E . 12.50 -3.71 -6.94
C11 S33 E . 11.38 -3.62 -6.01
C15 S33 E . 11.17 -2.18 -5.59
O16 S33 E . 12.10 -1.43 -5.35
C12 S33 E . 11.84 -4.46 -4.81
C13 S33 E . 12.89 -5.41 -5.36
C14 S33 E . 13.51 -4.69 -6.55
N17 S33 E . 9.91 -1.75 -5.51
C18 S33 E . 9.60 -0.39 -5.11
C19 S33 E . 8.98 0.40 -6.24
C20 S33 E . 9.74 1.29 -6.97
C25 S33 E . 11.21 1.47 -6.68
N27 S33 E . 12.01 0.99 -7.82
C21 S33 E . 9.17 2.01 -8.02
C22 S33 E . 7.82 1.88 -8.34
C23 S33 E . 7.09 0.97 -7.59
CL2 S33 E . 5.36 0.75 -7.96
C24 S33 E . 7.63 0.24 -6.55
C1 GOL F . -3.15 -2.79 -16.95
O1 GOL F . -2.41 -1.86 -16.25
C2 GOL F . -4.63 -2.81 -16.74
O2 GOL F . -5.34 -2.84 -17.93
C3 GOL F . -5.08 -3.84 -15.76
O3 GOL F . -6.27 -4.50 -16.01
C1 GOL G . 12.01 -1.35 -0.92
O1 GOL G . 11.15 -0.50 -1.58
C2 GOL G . 11.55 -1.84 0.41
O2 GOL G . 11.12 -0.82 1.25
C3 GOL G . 12.50 -2.77 1.07
O3 GOL G . 13.42 -2.22 1.95
P PO4 H . 5.50 -17.80 -12.88
O1 PO4 H . 6.67 -18.43 -13.59
O2 PO4 H . 4.20 -18.29 -13.49
O3 PO4 H . 5.59 -16.30 -12.99
O4 PO4 H . 5.53 -18.20 -11.42
NA NA I . 8.24 -5.35 -23.44
NA NA J . 7.12 7.38 -15.45
#